data_1OPJ
#
_entry.id   1OPJ
#
_cell.length_a   41.844
_cell.length_b   63.507
_cell.length_c   64.051
_cell.angle_alpha   67.91
_cell.angle_beta   79.76
_cell.angle_gamma   84.88
#
_symmetry.space_group_name_H-M   'P 1'
#
loop_
_entity.id
_entity.type
_entity.pdbx_description
1 polymer 'Proto-oncogene tyrosine-protein kinase ABL1'
2 non-polymer 'CHLORIDE ION'
3 non-polymer 'MYRISTIC ACID'
4 non-polymer 4-(4-METHYL-PIPERAZIN-1-YLMETHYL)-N-[4-METHYL-3-(4-PYRIDIN-3-YL-PYRIMIDIN-2-YLAMINO)-PHENYL]-BENZAMIDE
5 water water
#
_entity_poly.entity_id   1
_entity_poly.type   'polypeptide(L)'
_entity_poly.pdbx_seq_one_letter_code
;GAMDPSSPNYDKWEMERTDITMKHKLGGGQYGEVYEGVWKKYSLTVAVKTLKEDTMEVEEFLKEAAVMKEIKHPNLVQLL
GVCTREPPFYIITEFMTYGNLLDYLRECNRQEVSAVVLLYMATQISSAMEYLEKKNFIHRDLAARNCLVGENHLVKVADF
GLSRLMTGDTYTAHAGAKFPIKWTAPESLAYNKFSIKSDVWAFGVLLWEIATYGMSPYPGIDLSQVYELLEKDYRMERPE
GCPEKVYELMRACWQWNPSDRPSFAEIHQAFETMFQESSISDEVEKELGKRGT
;
_entity_poly.pdbx_strand_id   A,B
#
# COMPACT_ATOMS: atom_id res chain seq x y z
N ALA A 2 -17.29 1.13 34.19
CA ALA A 2 -16.70 1.89 33.05
C ALA A 2 -17.55 1.77 31.79
N MET A 3 -18.56 0.91 31.84
CA MET A 3 -19.42 0.70 30.67
C MET A 3 -20.65 1.61 30.65
N ASP A 4 -20.73 2.52 31.62
CA ASP A 4 -21.86 3.44 31.71
C ASP A 4 -21.50 4.75 31.01
N PRO A 5 -22.16 5.04 29.87
CA PRO A 5 -21.94 6.24 29.04
C PRO A 5 -21.80 7.58 29.77
N SER A 6 -22.65 7.80 30.77
CA SER A 6 -22.63 9.05 31.52
C SER A 6 -21.54 9.15 32.57
N SER A 7 -20.96 8.00 32.93
CA SER A 7 -19.91 7.97 33.93
C SER A 7 -18.61 8.64 33.47
N PRO A 8 -18.01 9.47 34.33
CA PRO A 8 -16.77 10.15 33.96
C PRO A 8 -15.62 9.14 33.82
N ASN A 9 -15.88 7.90 34.24
CA ASN A 9 -14.88 6.84 34.15
C ASN A 9 -15.21 5.91 32.99
N TYR A 10 -16.17 6.31 32.16
CA TYR A 10 -16.58 5.51 31.01
C TYR A 10 -15.42 5.20 30.06
N ASP A 11 -15.33 3.94 29.65
CA ASP A 11 -14.28 3.47 28.74
C ASP A 11 -14.98 2.60 27.71
N LYS A 12 -15.09 3.11 26.48
CA LYS A 12 -15.75 2.37 25.42
C LYS A 12 -15.10 1.02 25.14
N TRP A 13 -13.85 0.86 25.56
CA TRP A 13 -13.15 -0.41 25.31
C TRP A 13 -13.51 -1.55 26.26
N GLU A 14 -13.97 -1.20 27.46
CA GLU A 14 -14.33 -2.23 28.43
C GLU A 14 -15.47 -3.08 27.89
N MET A 15 -15.33 -4.39 27.96
CA MET A 15 -16.39 -5.27 27.48
C MET A 15 -16.64 -6.37 28.50
N GLU A 16 -17.76 -7.09 28.33
CA GLU A 16 -18.13 -8.19 29.24
C GLU A 16 -17.31 -9.42 28.91
N ARG A 17 -16.45 -9.85 29.83
CA ARG A 17 -15.63 -11.00 29.50
C ARG A 17 -16.39 -12.31 29.27
N THR A 18 -17.64 -12.40 29.73
CA THR A 18 -18.41 -13.62 29.48
C THR A 18 -18.81 -13.70 28.01
N ASP A 19 -18.58 -12.63 27.26
CA ASP A 19 -18.89 -12.63 25.82
C ASP A 19 -17.84 -13.45 25.06
N ILE A 20 -16.74 -13.78 25.74
CA ILE A 20 -15.67 -14.53 25.10
C ILE A 20 -15.46 -15.93 25.65
N THR A 21 -15.27 -16.90 24.75
CA THR A 21 -15.00 -18.26 25.16
C THR A 21 -13.50 -18.44 25.05
N MET A 22 -12.85 -18.77 26.16
CA MET A 22 -11.41 -18.99 26.14
C MET A 22 -11.08 -20.39 25.63
N LYS A 23 -10.17 -20.46 24.66
CA LYS A 23 -9.71 -21.72 24.08
C LYS A 23 -8.27 -21.96 24.54
N HIS A 24 -7.50 -22.74 23.76
CA HIS A 24 -6.12 -23.04 24.15
C HIS A 24 -5.12 -21.91 23.96
N LYS A 25 -3.98 -22.03 24.62
CA LYS A 25 -2.93 -21.04 24.53
C LYS A 25 -2.52 -20.98 23.07
N LEU A 26 -2.25 -19.77 22.59
CA LEU A 26 -1.89 -19.57 21.19
C LEU A 26 -0.46 -19.98 20.86
N GLY A 27 -0.26 -20.41 19.60
CA GLY A 27 1.06 -20.83 19.15
C GLY A 27 1.82 -21.64 20.18
N GLY A 28 1.13 -22.63 20.78
CA GLY A 28 1.76 -23.47 21.78
C GLY A 28 1.97 -22.71 23.08
N GLY A 29 2.83 -21.71 23.04
CA GLY A 29 3.11 -20.91 24.22
C GLY A 29 4.22 -19.92 23.91
N GLN A 30 4.48 -19.72 22.63
CA GLN A 30 5.52 -18.80 22.20
C GLN A 30 5.10 -17.34 22.39
N TYR A 31 3.95 -17.15 23.03
CA TYR A 31 3.42 -15.81 23.29
C TYR A 31 3.12 -15.67 24.78
N GLY A 32 3.36 -16.72 25.54
CA GLY A 32 3.10 -16.68 26.96
C GLY A 32 1.61 -16.79 27.22
N GLU A 33 1.10 -15.93 28.09
CA GLU A 33 -0.32 -15.98 28.43
C GLU A 33 -1.24 -15.32 27.40
N VAL A 34 -1.18 -15.82 26.17
CA VAL A 34 -2.06 -15.31 25.13
C VAL A 34 -2.86 -16.53 24.67
N TYR A 35 -4.18 -16.38 24.67
CA TYR A 35 -5.06 -17.47 24.29
C TYR A 35 -5.94 -17.17 23.10
N GLU A 36 -6.31 -18.23 22.41
CA GLU A 36 -7.23 -18.10 21.30
C GLU A 36 -8.58 -18.03 21.98
N GLY A 37 -9.45 -17.15 21.50
CA GLY A 37 -10.77 -17.05 22.10
C GLY A 37 -11.79 -16.81 21.02
N VAL A 38 -13.07 -16.92 21.38
CA VAL A 38 -14.14 -16.68 20.43
C VAL A 38 -15.10 -15.66 21.01
N TRP A 39 -15.32 -14.58 20.29
CA TRP A 39 -16.25 -13.52 20.69
C TRP A 39 -17.61 -14.05 20.25
N LYS A 40 -18.27 -14.79 21.14
CA LYS A 40 -19.57 -15.42 20.85
C LYS A 40 -20.51 -14.70 19.89
N LYS A 41 -20.98 -13.53 20.28
CA LYS A 41 -21.92 -12.75 19.46
C LYS A 41 -21.57 -12.66 17.98
N TYR A 42 -20.28 -12.57 17.66
CA TYR A 42 -19.86 -12.47 16.27
C TYR A 42 -19.24 -13.78 15.76
N SER A 43 -19.18 -14.80 16.61
CA SER A 43 -18.57 -16.07 16.21
C SER A 43 -17.19 -15.75 15.66
N LEU A 44 -16.55 -14.76 16.27
CA LEU A 44 -15.24 -14.28 15.84
C LEU A 44 -14.08 -14.78 16.68
N THR A 45 -13.07 -15.34 16.03
CA THR A 45 -11.90 -15.81 16.76
C THR A 45 -11.04 -14.58 17.08
N VAL A 46 -10.59 -14.49 18.31
CA VAL A 46 -9.77 -13.35 18.72
C VAL A 46 -8.58 -13.84 19.50
N ALA A 47 -7.63 -12.94 19.77
CA ALA A 47 -6.47 -13.30 20.57
C ALA A 47 -6.70 -12.59 21.90
N VAL A 48 -6.49 -13.31 23.00
CA VAL A 48 -6.71 -12.73 24.33
C VAL A 48 -5.47 -12.83 25.20
N LYS A 49 -4.90 -11.69 25.56
CA LYS A 49 -3.73 -11.69 26.42
C LYS A 49 -4.19 -11.48 27.86
N THR A 50 -3.65 -12.28 28.76
CA THR A 50 -3.99 -12.22 30.17
C THR A 50 -2.71 -12.12 31.00
N LEU A 51 -2.85 -12.01 32.31
CA LEU A 51 -1.68 -11.91 33.19
C LEU A 51 -1.30 -13.23 33.85
N LYS A 52 0.00 -13.49 33.93
CA LYS A 52 0.51 -14.72 34.54
C LYS A 52 0.12 -14.71 36.01
N GLU A 53 0.09 -15.89 36.63
CA GLU A 53 -0.24 -16.01 38.03
C GLU A 53 0.59 -15.06 38.88
N ASP A 54 -0.09 -14.27 39.70
CA ASP A 54 0.52 -13.29 40.59
C ASP A 54 1.91 -12.79 40.16
N THR A 55 1.94 -11.90 39.18
CA THR A 55 3.19 -11.32 38.71
C THR A 55 3.16 -9.83 39.04
N MET A 56 4.31 -9.19 39.00
CA MET A 56 4.38 -7.76 39.30
C MET A 56 4.45 -6.89 38.06
N GLU A 57 3.69 -7.27 37.04
CA GLU A 57 3.67 -6.51 35.80
C GLU A 57 2.26 -6.02 35.51
N VAL A 58 1.47 -5.88 36.58
CA VAL A 58 0.11 -5.40 36.48
C VAL A 58 0.06 -3.99 35.90
N GLU A 59 1.00 -3.15 36.31
CA GLU A 59 1.04 -1.79 35.81
C GLU A 59 1.48 -1.76 34.36
N GLU A 60 2.43 -2.63 33.99
CA GLU A 60 2.89 -2.65 32.60
C GLU A 60 1.80 -3.17 31.67
N PHE A 61 0.95 -4.06 32.21
CA PHE A 61 -0.16 -4.62 31.45
C PHE A 61 -1.17 -3.51 31.20
N LEU A 62 -1.50 -2.77 32.26
CA LEU A 62 -2.46 -1.68 32.15
C LEU A 62 -1.90 -0.59 31.26
N LYS A 63 -0.60 -0.37 31.33
CA LYS A 63 0.02 0.65 30.50
C LYS A 63 -0.09 0.22 29.03
N GLU A 64 0.11 -1.07 28.76
CA GLU A 64 0.02 -1.56 27.39
C GLU A 64 -1.40 -1.35 26.85
N ALA A 65 -2.40 -1.68 27.66
CA ALA A 65 -3.79 -1.53 27.25
C ALA A 65 -4.08 -0.06 26.95
N ALA A 66 -3.55 0.83 27.79
CA ALA A 66 -3.74 2.26 27.60
C ALA A 66 -3.11 2.73 26.29
N VAL A 67 -1.90 2.27 26.01
CA VAL A 67 -1.19 2.67 24.78
C VAL A 67 -1.91 2.16 23.53
N MET A 68 -2.45 0.94 23.59
CA MET A 68 -3.16 0.37 22.45
C MET A 68 -4.44 1.13 22.12
N LYS A 69 -5.02 1.78 23.12
CA LYS A 69 -6.23 2.56 22.90
C LYS A 69 -5.90 3.84 22.13
N GLU A 70 -4.63 4.22 22.16
CA GLU A 70 -4.19 5.44 21.49
C GLU A 70 -3.68 5.21 20.07
N ILE A 71 -3.47 3.96 19.68
CA ILE A 71 -2.98 3.73 18.33
C ILE A 71 -3.96 2.99 17.43
N LYS A 72 -4.06 3.48 16.20
CA LYS A 72 -4.98 2.92 15.22
C LYS A 72 -4.29 3.03 13.88
N HIS A 73 -3.92 1.91 13.29
CA HIS A 73 -3.26 1.93 12.01
C HIS A 73 -3.48 0.55 11.40
N PRO A 74 -3.73 0.49 10.09
CA PRO A 74 -3.96 -0.78 9.41
C PRO A 74 -2.84 -1.79 9.58
N ASN A 75 -1.64 -1.31 9.90
CA ASN A 75 -0.53 -2.23 10.06
C ASN A 75 -0.05 -2.44 11.49
N LEU A 76 -0.91 -2.10 12.44
CA LEU A 76 -0.64 -2.35 13.85
C LEU A 76 -1.79 -3.25 14.31
N VAL A 77 -1.49 -4.29 15.06
CA VAL A 77 -2.55 -5.20 15.53
C VAL A 77 -3.71 -4.39 16.13
N GLN A 78 -4.92 -4.73 15.71
CA GLN A 78 -6.10 -3.98 16.14
C GLN A 78 -6.68 -4.40 17.48
N LEU A 79 -6.71 -3.45 18.41
CA LEU A 79 -7.30 -3.66 19.73
C LEU A 79 -8.81 -3.81 19.53
N LEU A 80 -9.45 -4.79 20.18
CA LEU A 80 -10.91 -4.95 20.03
C LEU A 80 -11.64 -4.62 21.33
N GLY A 81 -10.96 -4.82 22.45
CA GLY A 81 -11.57 -4.53 23.73
C GLY A 81 -10.65 -4.89 24.86
N VAL A 82 -11.06 -4.56 26.08
CA VAL A 82 -10.29 -4.91 27.27
C VAL A 82 -11.28 -5.34 28.37
N CYS A 83 -10.75 -5.99 29.38
CA CYS A 83 -11.54 -6.39 30.55
C CYS A 83 -10.56 -6.05 31.65
N THR A 84 -10.59 -4.81 32.11
CA THR A 84 -9.69 -4.38 33.15
C THR A 84 -10.41 -3.68 34.31
N ARG A 85 -11.70 -3.96 34.45
CA ARG A 85 -12.48 -3.38 35.55
C ARG A 85 -12.21 -4.19 36.81
N GLU A 86 -11.88 -5.46 36.63
CA GLU A 86 -11.56 -6.36 37.72
C GLU A 86 -10.90 -7.60 37.13
N PRO A 87 -10.21 -8.40 37.96
CA PRO A 87 -9.55 -9.61 37.46
C PRO A 87 -10.59 -10.61 36.94
N PRO A 88 -10.21 -11.44 35.95
CA PRO A 88 -8.88 -11.50 35.33
C PRO A 88 -8.76 -10.45 34.21
N PHE A 89 -7.70 -9.67 34.22
CA PHE A 89 -7.49 -8.65 33.19
C PHE A 89 -7.22 -9.26 31.80
N TYR A 90 -7.88 -8.71 30.78
CA TYR A 90 -7.73 -9.14 29.39
C TYR A 90 -7.44 -7.97 28.45
N ILE A 91 -6.66 -8.25 27.42
CA ILE A 91 -6.46 -7.29 26.33
C ILE A 91 -6.85 -8.21 25.17
N ILE A 92 -7.86 -7.80 24.43
CA ILE A 92 -8.37 -8.60 23.31
C ILE A 92 -8.06 -7.95 21.97
N THR A 93 -7.44 -8.71 21.06
CA THR A 93 -7.18 -8.14 19.75
C THR A 93 -7.69 -9.09 18.68
N GLU A 94 -7.65 -8.62 17.44
CA GLU A 94 -8.05 -9.46 16.33
C GLU A 94 -7.06 -10.62 16.31
N PHE A 95 -7.46 -11.71 15.65
CA PHE A 95 -6.65 -12.90 15.47
C PHE A 95 -6.18 -12.83 14.00
N MET A 96 -4.89 -13.00 13.77
CA MET A 96 -4.32 -12.94 12.43
C MET A 96 -4.10 -14.34 11.91
N THR A 97 -4.87 -14.70 10.89
CA THR A 97 -4.82 -16.03 10.31
C THR A 97 -3.49 -16.76 10.15
N TYR A 98 -2.50 -16.10 9.55
CA TYR A 98 -1.25 -16.78 9.28
C TYR A 98 -0.16 -16.75 10.31
N GLY A 99 -0.47 -16.24 11.50
CA GLY A 99 0.54 -16.30 12.55
C GLY A 99 1.68 -15.33 12.37
N ASN A 100 2.77 -15.59 13.08
CA ASN A 100 3.92 -14.69 13.04
C ASN A 100 4.67 -14.75 11.71
N LEU A 101 5.19 -13.59 11.34
CA LEU A 101 5.93 -13.41 10.10
C LEU A 101 7.18 -14.26 9.96
N LEU A 102 7.93 -14.46 11.04
CA LEU A 102 9.14 -15.28 10.89
C LEU A 102 8.81 -16.70 10.43
N ASP A 103 7.89 -17.36 11.11
CA ASP A 103 7.53 -18.71 10.68
C ASP A 103 6.87 -18.69 9.29
N TYR A 104 6.07 -17.67 9.03
CA TYR A 104 5.41 -17.54 7.73
C TYR A 104 6.46 -17.49 6.62
N LEU A 105 7.49 -16.65 6.79
CA LEU A 105 8.53 -16.56 5.79
C LEU A 105 9.22 -17.91 5.58
N ARG A 106 9.47 -18.64 6.66
CA ARG A 106 10.15 -19.93 6.57
C ARG A 106 9.31 -21.03 5.98
N GLU A 107 8.01 -20.91 6.09
CA GLU A 107 7.11 -21.96 5.63
C GLU A 107 6.25 -21.64 4.44
N CYS A 108 6.39 -20.45 3.90
CA CYS A 108 5.55 -20.03 2.78
C CYS A 108 5.89 -20.65 1.44
N ASN A 109 4.94 -20.54 0.51
CA ASN A 109 5.14 -20.98 -0.87
C ASN A 109 5.89 -19.79 -1.48
N ARG A 110 7.15 -19.98 -1.84
CA ARG A 110 7.94 -18.86 -2.36
C ARG A 110 7.49 -18.35 -3.72
N GLN A 111 6.75 -19.17 -4.44
CA GLN A 111 6.22 -18.76 -5.72
C GLN A 111 5.15 -17.68 -5.47
N GLU A 112 4.32 -17.86 -4.44
CA GLU A 112 3.26 -16.88 -4.10
C GLU A 112 3.90 -15.67 -3.40
N VAL A 113 4.70 -15.95 -2.37
CA VAL A 113 5.36 -14.90 -1.61
C VAL A 113 6.67 -14.58 -2.34
N SER A 114 6.52 -13.87 -3.46
CA SER A 114 7.63 -13.48 -4.31
C SER A 114 8.32 -12.21 -3.84
N ALA A 115 9.34 -11.78 -4.57
CA ALA A 115 10.05 -10.55 -4.20
C ALA A 115 9.07 -9.36 -4.04
N VAL A 116 8.06 -9.29 -4.92
CA VAL A 116 7.08 -8.22 -4.87
C VAL A 116 6.31 -8.25 -3.56
N VAL A 117 5.90 -9.43 -3.15
CA VAL A 117 5.19 -9.55 -1.89
C VAL A 117 6.11 -9.25 -0.70
N LEU A 118 7.36 -9.71 -0.74
CA LEU A 118 8.28 -9.42 0.37
C LEU A 118 8.44 -7.90 0.50
N LEU A 119 8.57 -7.23 -0.64
CA LEU A 119 8.70 -5.77 -0.61
C LEU A 119 7.45 -5.14 0.00
N TYR A 120 6.27 -5.68 -0.36
CA TYR A 120 5.01 -5.17 0.16
C TYR A 120 4.98 -5.35 1.68
N MET A 121 5.46 -6.49 2.17
CA MET A 121 5.44 -6.73 3.60
C MET A 121 6.35 -5.76 4.33
N ALA A 122 7.54 -5.55 3.76
CA ALA A 122 8.51 -4.62 4.34
C ALA A 122 7.94 -3.21 4.36
N THR A 123 7.29 -2.82 3.27
CA THR A 123 6.68 -1.49 3.19
C THR A 123 5.60 -1.28 4.24
N GLN A 124 4.73 -2.28 4.42
CA GLN A 124 3.66 -2.18 5.42
C GLN A 124 4.26 -2.02 6.81
N ILE A 125 5.35 -2.74 7.09
CA ILE A 125 5.96 -2.65 8.41
C ILE A 125 6.50 -1.21 8.59
N SER A 126 7.14 -0.66 7.55
CA SER A 126 7.66 0.70 7.67
C SER A 126 6.51 1.70 7.87
N SER A 127 5.32 1.38 7.34
CA SER A 127 4.18 2.26 7.49
C SER A 127 3.71 2.29 8.95
N ALA A 128 3.72 1.13 9.59
CA ALA A 128 3.31 1.06 10.99
C ALA A 128 4.32 1.81 11.85
N MET A 129 5.60 1.67 11.52
CA MET A 129 6.63 2.32 12.32
C MET A 129 6.67 3.81 12.08
N GLU A 130 6.28 4.24 10.88
CA GLU A 130 6.23 5.67 10.60
C GLU A 130 5.15 6.27 11.50
N TYR A 131 4.04 5.53 11.67
CA TYR A 131 2.95 5.96 12.52
C TYR A 131 3.43 6.05 13.99
N LEU A 132 4.09 5.01 14.47
CA LEU A 132 4.55 5.06 15.86
C LEU A 132 5.55 6.19 16.00
N GLU A 133 6.40 6.36 14.99
CA GLU A 133 7.41 7.43 15.01
C GLU A 133 6.79 8.81 15.19
N LYS A 134 5.79 9.13 14.37
CA LYS A 134 5.20 10.45 14.48
C LYS A 134 4.38 10.65 15.75
N LYS A 135 3.92 9.57 16.36
CA LYS A 135 3.15 9.66 17.60
C LYS A 135 4.08 9.58 18.82
N ASN A 136 5.38 9.67 18.56
CA ASN A 136 6.43 9.65 19.58
C ASN A 136 6.51 8.39 20.42
N PHE A 137 6.28 7.25 19.79
CA PHE A 137 6.37 5.97 20.46
C PHE A 137 7.63 5.30 19.95
N ILE A 138 8.14 4.34 20.71
CA ILE A 138 9.31 3.56 20.29
C ILE A 138 8.81 2.14 20.41
N HIS A 139 9.28 1.23 19.55
CA HIS A 139 8.83 -0.15 19.64
C HIS A 139 9.68 -0.89 20.64
N ARG A 140 11.00 -0.85 20.42
CA ARG A 140 12.02 -1.46 21.27
C ARG A 140 12.35 -2.92 21.00
N ASP A 141 11.49 -3.63 20.25
CA ASP A 141 11.79 -5.02 19.96
C ASP A 141 11.25 -5.44 18.59
N LEU A 142 11.60 -4.66 17.57
CA LEU A 142 11.16 -4.96 16.22
C LEU A 142 11.96 -6.12 15.64
N ALA A 143 11.25 -7.10 15.05
CA ALA A 143 11.88 -8.28 14.47
C ALA A 143 10.74 -9.04 13.79
N ALA A 144 11.05 -9.96 12.89
CA ALA A 144 9.99 -10.68 12.18
C ALA A 144 9.11 -11.51 13.14
N ARG A 145 9.71 -12.02 14.20
CA ARG A 145 8.95 -12.81 15.19
C ARG A 145 7.85 -11.97 15.86
N ASN A 146 7.95 -10.64 15.80
CA ASN A 146 6.93 -9.79 16.41
C ASN A 146 5.92 -9.20 15.41
N CYS A 147 5.87 -9.76 14.20
CA CYS A 147 4.92 -9.26 13.21
C CYS A 147 3.95 -10.40 12.94
N LEU A 148 2.73 -10.05 12.54
CA LEU A 148 1.67 -11.03 12.25
C LEU A 148 1.23 -10.91 10.79
N VAL A 149 0.72 -12.01 10.22
CA VAL A 149 0.34 -12.00 8.81
C VAL A 149 -1.12 -12.41 8.70
N GLY A 150 -1.87 -11.62 7.93
CA GLY A 150 -3.29 -11.91 7.73
C GLY A 150 -3.56 -12.24 6.27
N GLU A 151 -4.82 -12.05 5.88
CA GLU A 151 -5.22 -12.35 4.50
C GLU A 151 -4.53 -11.42 3.51
N ASN A 152 -4.29 -11.94 2.31
CA ASN A 152 -3.68 -11.16 1.25
C ASN A 152 -2.36 -10.51 1.65
N HIS A 153 -1.53 -11.23 2.40
CA HIS A 153 -0.22 -10.72 2.80
C HIS A 153 -0.25 -9.43 3.62
N LEU A 154 -1.35 -9.18 4.30
CA LEU A 154 -1.45 -8.02 5.17
C LEU A 154 -0.52 -8.33 6.36
N VAL A 155 0.31 -7.36 6.75
CA VAL A 155 1.21 -7.57 7.87
C VAL A 155 0.96 -6.51 8.94
N LYS A 156 0.97 -6.93 10.20
CA LYS A 156 0.77 -5.99 11.28
C LYS A 156 1.90 -6.12 12.28
N VAL A 157 2.40 -4.99 12.74
CA VAL A 157 3.49 -4.99 13.72
C VAL A 157 2.82 -5.18 15.09
N ALA A 158 3.37 -6.08 15.90
CA ALA A 158 2.85 -6.32 17.23
C ALA A 158 4.02 -6.22 18.22
N ASP A 159 3.76 -6.54 19.48
CA ASP A 159 4.82 -6.53 20.48
C ASP A 159 4.35 -7.54 21.52
N PHE A 160 4.89 -8.74 21.41
CA PHE A 160 4.50 -9.88 22.25
C PHE A 160 5.30 -10.00 23.53
N GLY A 161 6.17 -9.02 23.81
CA GLY A 161 6.98 -9.07 25.01
C GLY A 161 7.64 -10.41 25.08
N LEU A 162 8.38 -10.75 24.03
CA LEU A 162 9.05 -12.03 23.91
C LEU A 162 10.32 -12.20 24.75
N SER A 163 10.97 -11.09 25.09
CA SER A 163 12.23 -11.08 25.84
C SER A 163 12.45 -12.29 26.75
N ARG A 164 11.49 -12.56 27.62
CA ARG A 164 11.61 -13.67 28.56
C ARG A 164 10.82 -14.93 28.21
N LEU A 165 9.85 -14.79 27.30
CA LEU A 165 9.03 -15.92 26.87
C LEU A 165 9.80 -16.82 25.91
N MET A 166 10.51 -16.18 24.99
CA MET A 166 11.30 -16.87 23.98
C MET A 166 12.34 -17.83 24.55
N THR A 167 12.51 -18.95 23.86
CA THR A 167 13.49 -19.96 24.24
C THR A 167 14.57 -19.92 23.17
N GLY A 168 15.69 -20.59 23.40
CA GLY A 168 16.76 -20.58 22.44
C GLY A 168 17.70 -19.41 22.64
N ASP A 169 18.50 -19.10 21.63
CA ASP A 169 19.48 -18.01 21.71
C ASP A 169 19.03 -16.64 21.20
N THR A 170 17.80 -16.51 20.73
CA THR A 170 17.33 -15.23 20.24
C THR A 170 17.61 -14.14 21.28
N TYR A 171 17.10 -14.32 22.50
CA TYR A 171 17.33 -13.35 23.57
C TYR A 171 18.37 -13.90 24.56
N THR A 172 19.44 -13.14 24.79
CA THR A 172 20.49 -13.57 25.72
C THR A 172 20.76 -12.51 26.78
N ALA A 173 21.29 -12.96 27.92
CA ALA A 173 21.58 -12.06 29.04
C ALA A 173 22.46 -10.90 28.59
N HIS A 174 22.10 -9.70 29.03
CA HIS A 174 22.84 -8.50 28.68
C HIS A 174 22.27 -7.31 29.43
N ALA A 175 23.15 -6.53 30.03
CA ALA A 175 22.76 -5.33 30.77
C ALA A 175 21.63 -5.55 31.77
N GLY A 176 21.64 -6.69 32.46
CA GLY A 176 20.61 -6.98 33.45
C GLY A 176 19.29 -7.43 32.86
N ALA A 177 19.19 -7.49 31.53
CA ALA A 177 17.97 -7.93 30.88
C ALA A 177 18.30 -8.99 29.83
N LYS A 178 17.31 -9.37 29.03
CA LYS A 178 17.48 -10.36 27.97
C LYS A 178 17.37 -9.61 26.63
N PHE A 179 18.48 -9.53 25.91
CA PHE A 179 18.51 -8.82 24.62
C PHE A 179 18.57 -9.70 23.37
N PRO A 180 17.82 -9.30 22.33
CA PRO A 180 17.91 -10.11 21.10
C PRO A 180 19.13 -9.40 20.49
N ILE A 181 20.33 -9.80 20.90
CA ILE A 181 21.55 -9.12 20.46
C ILE A 181 21.68 -8.82 18.98
N LYS A 182 21.33 -9.79 18.14
CA LYS A 182 21.49 -9.62 16.70
C LYS A 182 20.58 -8.57 16.05
N TRP A 183 19.59 -8.08 16.78
CA TRP A 183 18.68 -7.03 16.29
C TRP A 183 18.92 -5.73 17.06
N THR A 184 19.90 -5.72 17.96
CA THR A 184 20.12 -4.56 18.81
C THR A 184 21.14 -3.56 18.28
N ALA A 185 20.75 -2.30 18.24
CA ALA A 185 21.63 -1.25 17.72
C ALA A 185 22.84 -1.15 18.65
N PRO A 186 23.99 -0.75 18.11
CA PRO A 186 25.21 -0.63 18.91
C PRO A 186 25.09 0.23 20.16
N GLU A 187 24.41 1.38 20.06
CA GLU A 187 24.29 2.27 21.20
C GLU A 187 23.37 1.65 22.25
N SER A 188 22.50 0.74 21.81
CA SER A 188 21.64 0.08 22.76
C SER A 188 22.45 -0.98 23.50
N LEU A 189 23.32 -1.66 22.78
CA LEU A 189 24.16 -2.70 23.35
C LEU A 189 25.17 -2.13 24.34
N ALA A 190 25.83 -1.07 23.92
CA ALA A 190 26.89 -0.48 24.75
C ALA A 190 26.53 0.58 25.75
N TYR A 191 25.46 1.32 25.48
CA TYR A 191 25.04 2.42 26.36
C TYR A 191 23.58 2.36 26.79
N ASN A 192 22.95 1.23 26.48
CA ASN A 192 21.55 1.04 26.83
C ASN A 192 20.65 2.18 26.37
N LYS A 193 20.97 2.75 25.21
CA LYS A 193 20.21 3.86 24.66
C LYS A 193 19.23 3.35 23.61
N PHE A 194 17.93 3.48 23.88
CA PHE A 194 16.91 3.04 22.94
C PHE A 194 16.14 4.25 22.46
N SER A 195 15.78 4.25 21.18
CA SER A 195 15.06 5.36 20.59
C SER A 195 14.41 4.87 19.30
N ILE A 196 13.71 5.76 18.63
CA ILE A 196 13.12 5.36 17.35
C ILE A 196 14.29 5.01 16.40
N LYS A 197 15.47 5.60 16.60
CA LYS A 197 16.60 5.23 15.72
C LYS A 197 17.15 3.80 15.99
N SER A 198 17.00 3.30 17.21
CA SER A 198 17.47 1.93 17.46
C SER A 198 16.39 1.03 16.82
N ASP A 199 15.15 1.51 16.73
CA ASP A 199 14.11 0.70 16.06
C ASP A 199 14.48 0.60 14.55
N VAL A 200 14.99 1.69 14.00
CA VAL A 200 15.39 1.69 12.59
C VAL A 200 16.48 0.64 12.35
N TRP A 201 17.47 0.59 13.23
CA TRP A 201 18.51 -0.43 13.10
C TRP A 201 17.87 -1.83 13.12
N ALA A 202 16.96 -2.06 14.08
CA ALA A 202 16.27 -3.36 14.15
C ALA A 202 15.48 -3.62 12.88
N PHE A 203 14.85 -2.58 12.33
CA PHE A 203 14.08 -2.73 11.09
C PHE A 203 14.99 -3.20 9.96
N GLY A 204 16.22 -2.70 9.94
CA GLY A 204 17.17 -3.14 8.92
C GLY A 204 17.43 -4.64 9.05
N VAL A 205 17.53 -5.13 10.27
CA VAL A 205 17.75 -6.54 10.48
C VAL A 205 16.48 -7.31 10.03
N LEU A 206 15.32 -6.73 10.32
CA LEU A 206 14.04 -7.35 9.95
C LEU A 206 13.94 -7.41 8.42
N LEU A 207 14.44 -6.37 7.76
CA LEU A 207 14.45 -6.35 6.30
C LEU A 207 15.31 -7.50 5.77
N TRP A 208 16.43 -7.75 6.45
CA TRP A 208 17.31 -8.84 6.07
C TRP A 208 16.56 -10.16 6.31
N GLU A 209 15.79 -10.25 7.39
CA GLU A 209 15.03 -11.47 7.64
C GLU A 209 14.06 -11.70 6.47
N ILE A 210 13.38 -10.64 6.08
CA ILE A 210 12.42 -10.74 5.00
C ILE A 210 13.12 -11.17 3.72
N ALA A 211 14.22 -10.51 3.38
CA ALA A 211 14.97 -10.81 2.15
C ALA A 211 15.56 -12.21 2.08
N THR A 212 15.70 -12.89 3.22
CA THR A 212 16.26 -14.25 3.24
C THR A 212 15.20 -15.30 3.57
N TYR A 213 13.92 -14.92 3.54
CA TYR A 213 12.85 -15.86 3.89
C TYR A 213 13.02 -16.39 5.32
N GLY A 214 13.51 -15.53 6.20
CA GLY A 214 13.62 -15.91 7.59
C GLY A 214 14.86 -16.60 8.10
N MET A 215 16.00 -16.31 7.50
CA MET A 215 17.24 -16.90 7.98
C MET A 215 17.57 -16.15 9.26
N SER A 216 18.45 -16.75 10.08
CA SER A 216 18.84 -16.12 11.33
C SER A 216 20.01 -15.23 10.99
N PRO A 217 20.02 -13.98 11.49
CA PRO A 217 21.11 -13.04 11.20
C PRO A 217 22.50 -13.45 11.74
N TYR A 218 23.54 -12.89 11.14
CA TYR A 218 24.95 -13.15 11.50
C TYR A 218 25.20 -14.62 11.81
N PRO A 219 24.80 -15.52 10.90
CA PRO A 219 25.00 -16.94 11.16
C PRO A 219 26.47 -17.34 11.39
N GLY A 220 26.72 -18.09 12.46
CA GLY A 220 28.07 -18.54 12.71
C GLY A 220 29.01 -17.54 13.36
N ILE A 221 28.52 -16.35 13.67
CA ILE A 221 29.34 -15.35 14.32
C ILE A 221 29.01 -15.42 15.81
N ASP A 222 30.02 -15.46 16.67
CA ASP A 222 29.68 -15.54 18.08
C ASP A 222 29.33 -14.16 18.62
N LEU A 223 28.22 -14.09 19.33
CA LEU A 223 27.71 -12.86 19.91
C LEU A 223 28.75 -12.02 20.65
N SER A 224 29.77 -12.68 21.22
CA SER A 224 30.78 -11.95 21.97
C SER A 224 31.67 -11.06 21.10
N GLN A 225 31.68 -11.33 19.79
CA GLN A 225 32.48 -10.54 18.88
C GLN A 225 31.64 -9.60 18.01
N VAL A 226 30.32 -9.70 18.12
CA VAL A 226 29.44 -8.85 17.30
C VAL A 226 29.72 -7.35 17.44
N TYR A 227 29.80 -6.83 18.67
CA TYR A 227 30.04 -5.40 18.82
C TYR A 227 31.35 -4.93 18.19
N GLU A 228 32.46 -5.61 18.49
CA GLU A 228 33.75 -5.24 17.91
C GLU A 228 33.66 -5.25 16.38
N LEU A 229 33.02 -6.28 15.83
CA LEU A 229 32.84 -6.38 14.38
C LEU A 229 32.02 -5.20 13.90
N LEU A 230 30.89 -4.92 14.54
CA LEU A 230 30.07 -3.78 14.12
C LEU A 230 30.85 -2.47 14.26
N GLU A 231 31.63 -2.35 15.32
CA GLU A 231 32.40 -1.12 15.52
C GLU A 231 33.42 -0.90 14.41
N LYS A 232 33.89 -1.98 13.81
CA LYS A 232 34.87 -1.88 12.73
C LYS A 232 34.18 -1.93 11.35
N ASP A 233 32.91 -1.56 11.37
CA ASP A 233 32.04 -1.45 10.21
C ASP A 233 31.60 -2.72 9.53
N TYR A 234 31.75 -3.87 10.19
CA TYR A 234 31.25 -5.10 9.58
C TYR A 234 29.74 -5.04 9.51
N ARG A 235 29.17 -5.59 8.44
CA ARG A 235 27.73 -5.65 8.27
C ARG A 235 27.45 -6.89 7.43
N MET A 236 26.29 -7.50 7.63
CA MET A 236 25.99 -8.68 6.80
C MET A 236 26.05 -8.25 5.34
N GLU A 237 26.62 -9.11 4.48
CA GLU A 237 26.73 -8.81 3.05
C GLU A 237 25.34 -8.86 2.41
N ARG A 238 25.25 -8.34 1.19
CA ARG A 238 23.98 -8.35 0.48
C ARG A 238 23.62 -9.82 0.29
N PRO A 239 22.45 -10.24 0.80
CA PRO A 239 22.04 -11.64 0.67
C PRO A 239 21.66 -12.05 -0.75
N GLU A 240 21.78 -13.35 -1.04
CA GLU A 240 21.46 -13.87 -2.37
C GLU A 240 20.16 -13.35 -2.97
N GLY A 241 20.27 -12.80 -4.18
CA GLY A 241 19.13 -12.25 -4.90
C GLY A 241 18.56 -10.92 -4.45
N CYS A 242 19.08 -10.36 -3.36
CA CYS A 242 18.57 -9.08 -2.86
C CYS A 242 18.93 -7.92 -3.77
N PRO A 243 17.94 -7.10 -4.17
CA PRO A 243 18.26 -5.96 -5.05
C PRO A 243 19.24 -5.01 -4.37
N GLU A 244 20.13 -4.43 -5.15
CA GLU A 244 21.11 -3.49 -4.60
C GLU A 244 20.42 -2.38 -3.81
N LYS A 245 19.35 -1.83 -4.36
CA LYS A 245 18.63 -0.75 -3.69
C LYS A 245 18.07 -1.15 -2.32
N VAL A 246 17.62 -2.37 -2.20
CA VAL A 246 17.09 -2.85 -0.92
C VAL A 246 18.25 -2.96 0.07
N TYR A 247 19.37 -3.48 -0.41
CA TYR A 247 20.53 -3.63 0.47
C TYR A 247 21.04 -2.27 0.91
N GLU A 248 21.01 -1.29 0.01
CA GLU A 248 21.46 0.05 0.36
C GLU A 248 20.60 0.59 1.51
N LEU A 249 19.31 0.29 1.48
CA LEU A 249 18.39 0.74 2.53
C LEU A 249 18.75 0.04 3.84
N MET A 250 19.11 -1.24 3.76
CA MET A 250 19.52 -1.96 4.97
C MET A 250 20.75 -1.27 5.55
N ARG A 251 21.70 -0.95 4.68
CA ARG A 251 22.95 -0.33 5.12
C ARG A 251 22.69 1.03 5.76
N ALA A 252 21.69 1.75 5.25
CA ALA A 252 21.34 3.04 5.81
C ALA A 252 20.77 2.83 7.20
N CYS A 253 19.97 1.77 7.37
CA CYS A 253 19.38 1.49 8.67
C CYS A 253 20.47 1.11 9.69
N TRP A 254 21.56 0.55 9.19
CA TRP A 254 22.63 0.12 10.08
C TRP A 254 23.77 1.10 10.21
N GLN A 255 23.50 2.39 10.01
CA GLN A 255 24.58 3.38 10.19
C GLN A 255 24.99 3.33 11.65
N TRP A 256 26.29 3.46 11.92
CA TRP A 256 26.74 3.40 13.29
C TRP A 256 26.12 4.49 14.17
N ASN A 257 26.16 5.74 13.71
CA ASN A 257 25.58 6.86 14.45
C ASN A 257 24.06 6.84 14.25
N PRO A 258 23.26 6.77 15.33
CA PRO A 258 21.79 6.74 15.26
C PRO A 258 21.22 7.90 14.45
N SER A 259 21.82 9.07 14.63
CA SER A 259 21.40 10.27 13.94
C SER A 259 21.56 10.16 12.43
N ASP A 260 22.43 9.28 11.99
CA ASP A 260 22.66 9.09 10.55
C ASP A 260 21.66 8.14 9.90
N ARG A 261 20.90 7.40 10.70
CA ARG A 261 19.92 6.45 10.15
C ARG A 261 18.69 7.20 9.65
N PRO A 262 18.04 6.69 8.59
CA PRO A 262 16.85 7.38 8.08
C PRO A 262 15.71 7.27 9.06
N SER A 263 14.71 8.14 8.95
CA SER A 263 13.53 8.03 9.80
C SER A 263 12.65 7.00 9.10
N PHE A 264 11.62 6.52 9.79
CA PHE A 264 10.71 5.56 9.18
C PHE A 264 9.88 6.25 8.08
N ALA A 265 9.67 7.56 8.23
CA ALA A 265 8.94 8.31 7.22
C ALA A 265 9.75 8.24 5.94
N GLU A 266 11.06 8.45 6.05
CA GLU A 266 11.96 8.40 4.90
C GLU A 266 12.07 6.99 4.33
N ILE A 267 12.05 5.99 5.21
CA ILE A 267 12.15 4.61 4.77
C ILE A 267 10.90 4.25 3.97
N HIS A 268 9.74 4.60 4.51
CA HIS A 268 8.51 4.26 3.81
C HIS A 268 8.47 4.92 2.44
N GLN A 269 8.90 6.17 2.36
CA GLN A 269 8.90 6.88 1.09
C GLN A 269 9.87 6.23 0.11
N ALA A 270 11.01 5.80 0.65
CA ALA A 270 12.04 5.15 -0.14
C ALA A 270 11.48 3.91 -0.81
N PHE A 271 10.71 3.12 -0.05
CA PHE A 271 10.11 1.91 -0.61
C PHE A 271 9.14 2.21 -1.73
N GLU A 272 8.25 3.17 -1.49
CA GLU A 272 7.24 3.53 -2.50
C GLU A 272 7.83 3.94 -3.85
N THR A 273 8.99 4.58 -3.84
CA THR A 273 9.60 5.05 -5.10
C THR A 273 10.89 4.32 -5.52
N MET A 274 11.27 3.30 -4.76
CA MET A 274 12.48 2.54 -5.01
C MET A 274 12.69 1.92 -6.41
N PHE A 275 11.65 1.33 -6.96
CA PHE A 275 11.77 0.68 -8.27
C PHE A 275 10.96 1.38 -9.35
N GLN A 276 11.25 2.64 -9.58
CA GLN A 276 10.53 3.39 -10.61
C GLN A 276 11.06 3.18 -12.02
N GLU A 277 12.34 2.86 -12.14
CA GLU A 277 12.97 2.67 -13.44
C GLU A 277 13.02 1.20 -13.86
N SER A 278 12.88 0.31 -12.90
CA SER A 278 12.90 -1.13 -13.16
C SER A 278 12.22 -1.81 -12.00
N SER A 279 11.58 -2.94 -12.26
CA SER A 279 10.86 -3.66 -11.22
C SER A 279 11.76 -4.51 -10.33
N ILE A 280 11.29 -4.77 -9.12
CA ILE A 280 12.07 -5.58 -8.20
C ILE A 280 12.30 -6.96 -8.83
N SER A 281 11.30 -7.49 -9.56
CA SER A 281 11.48 -8.78 -10.22
C SER A 281 12.66 -8.71 -11.20
N ASP A 282 12.74 -7.62 -11.95
CA ASP A 282 13.84 -7.46 -12.91
C ASP A 282 15.16 -7.35 -12.17
N GLU A 283 15.17 -6.69 -11.02
CA GLU A 283 16.41 -6.57 -10.25
C GLU A 283 16.84 -7.91 -9.65
N VAL A 284 15.88 -8.70 -9.15
CA VAL A 284 16.19 -9.99 -8.55
C VAL A 284 16.72 -10.99 -9.58
N GLU A 285 16.45 -10.73 -10.85
CA GLU A 285 16.95 -11.59 -11.92
C GLU A 285 18.35 -11.11 -12.26
N LYS A 286 18.47 -9.80 -12.45
CA LYS A 286 19.74 -9.17 -12.77
C LYS A 286 20.78 -9.55 -11.72
N GLU A 287 20.40 -9.46 -10.44
CA GLU A 287 21.30 -9.79 -9.34
C GLU A 287 21.76 -11.24 -9.38
N LEU A 288 20.82 -12.17 -9.38
CA LEU A 288 21.16 -13.58 -9.42
C LEU A 288 22.17 -13.85 -10.54
N MET B 3 10.24 -11.73 -34.89
CA MET B 3 11.41 -12.11 -35.73
C MET B 3 12.60 -12.54 -34.87
N ASP B 4 13.75 -12.72 -35.52
CA ASP B 4 14.94 -13.16 -34.79
C ASP B 4 15.94 -12.01 -34.60
N PRO B 5 16.65 -12.02 -33.46
CA PRO B 5 17.64 -10.98 -33.15
C PRO B 5 18.56 -10.72 -34.34
N SER B 6 18.92 -11.81 -35.02
CA SER B 6 19.79 -11.75 -36.18
C SER B 6 19.26 -10.81 -37.26
N SER B 7 17.94 -10.83 -37.44
CA SER B 7 17.27 -10.02 -38.45
C SER B 7 17.56 -8.52 -38.42
N PRO B 8 17.77 -7.92 -39.60
CA PRO B 8 18.06 -6.49 -39.78
C PRO B 8 16.84 -5.65 -39.40
N ASN B 9 15.67 -6.24 -39.53
CA ASN B 9 14.42 -5.56 -39.22
C ASN B 9 13.78 -6.14 -37.98
N TYR B 10 14.60 -6.40 -36.98
CA TYR B 10 14.12 -6.95 -35.72
C TYR B 10 13.41 -5.85 -34.94
N ASP B 11 12.25 -6.18 -34.40
CA ASP B 11 11.46 -5.22 -33.61
C ASP B 11 11.09 -5.92 -32.30
N LYS B 12 11.73 -5.50 -31.20
CA LYS B 12 11.51 -6.13 -29.91
C LYS B 12 10.07 -6.19 -29.44
N TRP B 13 9.25 -5.24 -29.88
CA TRP B 13 7.85 -5.22 -29.47
C TRP B 13 6.95 -6.20 -30.21
N GLU B 14 7.27 -6.48 -31.48
CA GLU B 14 6.44 -7.41 -32.24
C GLU B 14 6.44 -8.79 -31.60
N MET B 15 5.24 -9.27 -31.30
CA MET B 15 5.07 -10.57 -30.66
C MET B 15 4.43 -11.60 -31.59
N GLU B 16 4.59 -12.87 -31.23
CA GLU B 16 4.05 -13.97 -32.01
C GLU B 16 2.57 -14.10 -31.63
N ARG B 17 1.69 -13.68 -32.53
CA ARG B 17 0.25 -13.75 -32.25
C ARG B 17 -0.15 -15.16 -31.88
N THR B 18 0.32 -16.13 -32.66
CA THR B 18 0.00 -17.53 -32.43
C THR B 18 0.64 -18.03 -31.14
N ASP B 19 1.00 -17.11 -30.27
CA ASP B 19 1.62 -17.44 -29.00
C ASP B 19 0.67 -17.07 -27.86
N ILE B 20 -0.42 -16.39 -28.21
CA ILE B 20 -1.43 -15.97 -27.25
C ILE B 20 -2.76 -16.68 -27.49
N THR B 21 -3.36 -17.21 -26.42
CA THR B 21 -4.64 -17.88 -26.53
C THR B 21 -5.76 -16.94 -26.08
N MET B 22 -6.42 -16.34 -27.06
CA MET B 22 -7.51 -15.40 -26.82
C MET B 22 -8.68 -16.06 -26.10
N LYS B 23 -9.11 -15.47 -25.00
CA LYS B 23 -10.25 -15.99 -24.26
C LYS B 23 -11.47 -15.14 -24.59
N HIS B 24 -12.32 -14.90 -23.59
CA HIS B 24 -13.51 -14.10 -23.79
C HIS B 24 -13.25 -12.61 -23.64
N LYS B 25 -14.14 -11.80 -24.20
CA LYS B 25 -14.02 -10.36 -24.11
C LYS B 25 -14.04 -9.98 -22.62
N LEU B 26 -13.30 -8.95 -22.25
CA LEU B 26 -13.28 -8.51 -20.86
C LEU B 26 -14.42 -7.53 -20.61
N GLY B 27 -15.27 -7.85 -19.64
CA GLY B 27 -16.38 -6.97 -19.32
C GLY B 27 -17.55 -7.00 -20.29
N GLY B 28 -17.78 -8.15 -20.92
CA GLY B 28 -18.88 -8.30 -21.86
C GLY B 28 -19.09 -7.24 -22.92
N GLY B 29 -18.06 -6.43 -23.18
CA GLY B 29 -18.18 -5.39 -24.19
C GLY B 29 -17.89 -4.02 -23.62
N GLN B 30 -17.79 -3.97 -22.28
CA GLN B 30 -17.52 -2.75 -21.53
C GLN B 30 -16.25 -2.02 -21.97
N TYR B 31 -15.24 -2.78 -22.38
CA TYR B 31 -13.98 -2.18 -22.82
C TYR B 31 -13.85 -2.26 -24.34
N GLY B 32 -14.93 -2.59 -25.02
CA GLY B 32 -14.88 -2.71 -26.46
C GLY B 32 -14.13 -3.97 -26.86
N GLU B 33 -13.35 -3.89 -27.92
CA GLU B 33 -12.59 -5.03 -28.42
C GLU B 33 -11.34 -5.38 -27.62
N VAL B 34 -11.51 -5.64 -26.32
CA VAL B 34 -10.42 -6.03 -25.45
C VAL B 34 -10.77 -7.41 -24.91
N TYR B 35 -9.87 -8.37 -25.12
CA TYR B 35 -10.12 -9.74 -24.66
C TYR B 35 -9.12 -10.24 -23.64
N GLU B 36 -9.59 -11.12 -22.76
CA GLU B 36 -8.72 -11.71 -21.76
C GLU B 36 -7.90 -12.75 -22.51
N GLY B 37 -6.64 -12.90 -22.13
CA GLY B 37 -5.81 -13.88 -22.81
C GLY B 37 -4.79 -14.51 -21.89
N VAL B 38 -4.11 -15.54 -22.41
CA VAL B 38 -3.09 -16.22 -21.64
C VAL B 38 -1.86 -16.36 -22.52
N TRP B 39 -0.76 -15.74 -22.09
CA TRP B 39 0.48 -15.81 -22.84
C TRP B 39 1.00 -17.24 -22.64
N LYS B 40 0.36 -18.19 -23.32
CA LYS B 40 0.71 -19.60 -23.22
C LYS B 40 2.08 -19.91 -22.62
N LYS B 41 3.13 -19.39 -23.24
CA LYS B 41 4.50 -19.62 -22.77
C LYS B 41 4.72 -19.31 -21.29
N TYR B 42 4.55 -18.05 -20.91
CA TYR B 42 4.77 -17.65 -19.52
C TYR B 42 3.56 -17.89 -18.61
N SER B 43 2.59 -18.63 -19.12
CA SER B 43 1.37 -18.94 -18.36
C SER B 43 0.86 -17.71 -17.63
N LEU B 44 0.89 -16.57 -18.28
CA LEU B 44 0.45 -15.32 -17.68
C LEU B 44 -0.79 -14.79 -18.39
N THR B 45 -1.75 -14.30 -17.60
CA THR B 45 -2.98 -13.76 -18.16
C THR B 45 -2.71 -12.31 -18.57
N VAL B 46 -3.08 -11.96 -19.80
CA VAL B 46 -2.89 -10.62 -20.31
C VAL B 46 -4.17 -10.09 -20.93
N ALA B 47 -4.20 -8.79 -21.20
CA ALA B 47 -5.36 -8.16 -21.82
C ALA B 47 -4.93 -7.85 -23.24
N VAL B 48 -5.78 -8.17 -24.21
CA VAL B 48 -5.43 -7.93 -25.61
C VAL B 48 -6.46 -7.07 -26.32
N LYS B 49 -6.04 -5.88 -26.76
CA LYS B 49 -6.94 -4.99 -27.47
C LYS B 49 -6.78 -5.25 -28.97
N THR B 50 -7.90 -5.41 -29.65
CA THR B 50 -7.91 -5.68 -31.09
C THR B 50 -8.81 -4.70 -31.81
N LEU B 51 -9.19 -5.05 -33.04
CA LEU B 51 -10.07 -4.23 -33.87
C LEU B 51 -10.96 -5.12 -34.72
N LYS B 52 -12.23 -4.75 -34.86
CA LYS B 52 -13.18 -5.52 -35.66
C LYS B 52 -12.67 -5.49 -37.10
N GLU B 53 -13.07 -6.47 -37.90
CA GLU B 53 -12.63 -6.52 -39.28
C GLU B 53 -12.92 -5.20 -40.00
N ASP B 54 -11.85 -4.51 -40.38
CA ASP B 54 -11.94 -3.22 -41.07
C ASP B 54 -12.58 -2.14 -40.21
N THR B 55 -11.76 -1.52 -39.35
CA THR B 55 -12.23 -0.46 -38.48
C THR B 55 -11.55 0.84 -38.88
N MET B 56 -12.34 1.87 -39.17
CA MET B 56 -11.79 3.15 -39.58
C MET B 56 -10.96 3.80 -38.47
N GLU B 57 -10.68 3.04 -37.42
CA GLU B 57 -9.89 3.56 -36.30
C GLU B 57 -8.54 2.86 -36.18
N VAL B 58 -8.04 2.36 -37.30
CA VAL B 58 -6.76 1.65 -37.33
C VAL B 58 -5.60 2.59 -37.00
N GLU B 59 -5.59 3.78 -37.60
CA GLU B 59 -4.54 4.75 -37.36
C GLU B 59 -4.46 5.05 -35.87
N GLU B 60 -5.62 5.22 -35.24
CA GLU B 60 -5.69 5.51 -33.82
C GLU B 60 -5.05 4.37 -33.03
N PHE B 61 -5.38 3.15 -33.44
CA PHE B 61 -4.86 1.95 -32.79
C PHE B 61 -3.33 1.97 -32.80
N LEU B 62 -2.77 2.14 -33.99
CA LEU B 62 -1.31 2.17 -34.15
C LEU B 62 -0.68 3.31 -33.35
N LYS B 63 -1.36 4.45 -33.30
CA LYS B 63 -0.85 5.60 -32.56
C LYS B 63 -0.73 5.27 -31.07
N GLU B 64 -1.74 4.59 -30.54
CA GLU B 64 -1.74 4.22 -29.13
C GLU B 64 -0.56 3.27 -28.84
N ALA B 65 -0.33 2.34 -29.76
CA ALA B 65 0.77 1.39 -29.61
C ALA B 65 2.10 2.13 -29.52
N ALA B 66 2.31 3.09 -30.43
CA ALA B 66 3.55 3.88 -30.44
C ALA B 66 3.73 4.60 -29.12
N VAL B 67 2.65 5.22 -28.65
CA VAL B 67 2.69 5.95 -27.38
C VAL B 67 3.09 5.03 -26.24
N MET B 68 2.44 3.87 -26.17
CA MET B 68 2.70 2.92 -25.10
C MET B 68 4.12 2.39 -25.10
N LYS B 69 4.78 2.45 -26.25
CA LYS B 69 6.16 1.98 -26.34
C LYS B 69 7.08 2.97 -25.67
N GLU B 70 6.65 4.23 -25.57
CA GLU B 70 7.48 5.27 -24.96
C GLU B 70 7.24 5.51 -23.47
N ILE B 71 6.23 4.89 -22.90
CA ILE B 71 5.97 5.11 -21.47
C ILE B 71 6.25 3.89 -20.61
N LYS B 72 7.05 4.11 -19.57
CA LYS B 72 7.39 3.06 -18.63
C LYS B 72 7.38 3.63 -17.22
N HIS B 73 6.41 3.19 -16.44
CA HIS B 73 6.29 3.65 -15.07
C HIS B 73 5.50 2.60 -14.33
N PRO B 74 5.86 2.35 -13.08
CA PRO B 74 5.13 1.33 -12.31
C PRO B 74 3.64 1.56 -12.16
N ASN B 75 3.19 2.82 -12.22
CA ASN B 75 1.77 3.10 -12.06
C ASN B 75 1.00 3.47 -13.32
N LEU B 76 1.53 3.04 -14.46
CA LEU B 76 0.90 3.23 -15.76
C LEU B 76 0.87 1.84 -16.37
N VAL B 77 -0.28 1.47 -16.96
CA VAL B 77 -0.45 0.16 -17.59
C VAL B 77 0.74 -0.10 -18.52
N GLN B 78 1.38 -1.24 -18.34
CA GLN B 78 2.56 -1.56 -19.13
C GLN B 78 2.33 -2.42 -20.37
N LEU B 79 2.86 -1.94 -21.49
CA LEU B 79 2.77 -2.62 -22.76
C LEU B 79 3.68 -3.86 -22.70
N LEU B 80 3.17 -5.01 -23.13
CA LEU B 80 3.98 -6.23 -23.13
C LEU B 80 4.40 -6.60 -24.55
N GLY B 81 3.57 -6.26 -25.53
CA GLY B 81 3.88 -6.56 -26.91
C GLY B 81 2.76 -6.17 -27.86
N VAL B 82 3.03 -6.27 -29.15
CA VAL B 82 2.04 -5.92 -30.15
C VAL B 82 2.13 -6.86 -31.35
N CYS B 83 1.09 -6.83 -32.18
CA CYS B 83 1.02 -7.64 -33.39
C CYS B 83 0.48 -6.67 -34.44
N THR B 84 1.39 -5.91 -35.04
CA THR B 84 1.01 -4.91 -36.03
C THR B 84 1.61 -5.09 -37.40
N ARG B 85 1.94 -6.33 -37.75
CA ARG B 85 2.48 -6.63 -39.06
C ARG B 85 1.36 -7.19 -39.92
N GLU B 86 0.51 -8.02 -39.30
CA GLU B 86 -0.63 -8.60 -39.98
C GLU B 86 -1.88 -8.47 -39.13
N PRO B 87 -3.04 -8.22 -39.75
CA PRO B 87 -4.29 -8.10 -39.01
C PRO B 87 -4.73 -9.49 -38.56
N PRO B 88 -5.52 -9.57 -37.48
CA PRO B 88 -5.99 -8.46 -36.66
C PRO B 88 -4.87 -7.97 -35.75
N PHE B 89 -4.63 -6.66 -35.73
CA PHE B 89 -3.58 -6.10 -34.89
C PHE B 89 -3.91 -6.31 -33.42
N TYR B 90 -2.86 -6.47 -32.60
CA TYR B 90 -3.02 -6.66 -31.16
C TYR B 90 -2.14 -5.72 -30.35
N ILE B 91 -2.61 -5.39 -29.15
CA ILE B 91 -1.86 -4.56 -28.20
C ILE B 91 -2.04 -5.33 -26.90
N ILE B 92 -0.96 -5.89 -26.39
CA ILE B 92 -1.03 -6.69 -25.17
C ILE B 92 -0.45 -6.01 -23.93
N THR B 93 -1.18 -6.08 -22.83
CA THR B 93 -0.74 -5.51 -21.57
C THR B 93 -1.09 -6.52 -20.49
N GLU B 94 -0.58 -6.34 -19.29
CA GLU B 94 -0.89 -7.26 -18.23
C GLU B 94 -2.31 -7.10 -17.71
N PHE B 95 -2.89 -8.23 -17.29
CA PHE B 95 -4.23 -8.24 -16.74
C PHE B 95 -4.07 -7.83 -15.28
N MET B 96 -4.86 -6.86 -14.83
CA MET B 96 -4.79 -6.39 -13.45
C MET B 96 -5.87 -7.13 -12.65
N THR B 97 -5.42 -7.82 -11.62
CA THR B 97 -6.28 -8.63 -10.77
C THR B 97 -7.63 -8.11 -10.32
N TYR B 98 -7.63 -6.98 -9.60
CA TYR B 98 -8.88 -6.45 -9.08
C TYR B 98 -9.74 -5.58 -9.99
N GLY B 99 -9.39 -5.51 -11.27
CA GLY B 99 -10.19 -4.75 -12.20
C GLY B 99 -10.09 -3.26 -12.03
N ASN B 100 -11.08 -2.54 -12.56
CA ASN B 100 -11.04 -1.08 -12.48
C ASN B 100 -11.27 -0.54 -11.08
N LEU B 101 -10.60 0.57 -10.80
CA LEU B 101 -10.64 1.22 -9.51
C LEU B 101 -12.02 1.69 -9.04
N LEU B 102 -12.87 2.09 -9.97
CA LEU B 102 -14.18 2.58 -9.57
C LEU B 102 -14.98 1.46 -8.92
N ASP B 103 -15.16 0.36 -9.64
CA ASP B 103 -15.91 -0.75 -9.08
C ASP B 103 -15.20 -1.29 -7.85
N TYR B 104 -13.86 -1.35 -7.90
CA TYR B 104 -13.10 -1.84 -6.77
C TYR B 104 -13.45 -1.03 -5.54
N LEU B 105 -13.38 0.29 -5.67
CA LEU B 105 -13.71 1.17 -4.55
C LEU B 105 -15.14 0.96 -4.08
N ARG B 106 -16.05 0.68 -5.00
CA ARG B 106 -17.45 0.47 -4.65
C ARG B 106 -17.72 -0.87 -3.99
N GLU B 107 -17.01 -1.90 -4.43
CA GLU B 107 -17.23 -3.25 -3.90
C GLU B 107 -16.24 -3.67 -2.85
N CYS B 108 -15.29 -2.81 -2.51
CA CYS B 108 -14.27 -3.18 -1.54
C CYS B 108 -14.70 -3.23 -0.08
N ASN B 109 -13.87 -3.86 0.72
CA ASN B 109 -14.07 -4.00 2.16
C ASN B 109 -13.30 -2.82 2.73
N ARG B 110 -14.03 -1.81 3.22
CA ARG B 110 -13.41 -0.61 3.75
C ARG B 110 -12.52 -0.77 4.97
N GLN B 111 -12.29 -2.01 5.40
CA GLN B 111 -11.43 -2.28 6.54
C GLN B 111 -10.05 -2.58 5.94
N GLU B 112 -10.07 -3.32 4.82
CA GLU B 112 -8.84 -3.65 4.11
C GLU B 112 -8.37 -2.38 3.42
N VAL B 113 -9.32 -1.59 2.94
CA VAL B 113 -9.01 -0.34 2.24
C VAL B 113 -9.36 0.88 3.09
N SER B 114 -8.55 1.16 4.10
CA SER B 114 -8.80 2.31 4.97
C SER B 114 -8.16 3.55 4.38
N ALA B 115 -8.22 4.66 5.12
CA ALA B 115 -7.66 5.94 4.66
C ALA B 115 -6.21 5.84 4.18
N VAL B 116 -5.40 5.09 4.93
CA VAL B 116 -4.00 4.91 4.58
C VAL B 116 -3.86 4.27 3.20
N VAL B 117 -4.69 3.28 2.91
CA VAL B 117 -4.63 2.61 1.62
C VAL B 117 -5.07 3.58 0.52
N LEU B 118 -6.09 4.39 0.82
CA LEU B 118 -6.60 5.36 -0.17
C LEU B 118 -5.54 6.41 -0.49
N LEU B 119 -4.84 6.85 0.55
CA LEU B 119 -3.78 7.83 0.39
C LEU B 119 -2.70 7.24 -0.53
N TYR B 120 -2.41 5.96 -0.32
CA TYR B 120 -1.39 5.26 -1.11
C TYR B 120 -1.85 5.17 -2.56
N MET B 121 -3.13 4.87 -2.77
CA MET B 121 -3.62 4.77 -4.12
C MET B 121 -3.58 6.13 -4.81
N ALA B 122 -3.94 7.19 -4.08
CA ALA B 122 -3.95 8.53 -4.67
C ALA B 122 -2.52 8.97 -4.98
N THR B 123 -1.60 8.58 -4.11
CA THR B 123 -0.20 8.94 -4.30
C THR B 123 0.34 8.25 -5.54
N GLN B 124 0.02 6.97 -5.72
CA GLN B 124 0.50 6.24 -6.90
C GLN B 124 0.00 6.88 -8.18
N ILE B 125 -1.27 7.26 -8.19
CA ILE B 125 -1.85 7.88 -9.36
C ILE B 125 -1.14 9.21 -9.66
N SER B 126 -0.89 10.00 -8.62
CA SER B 126 -0.19 11.26 -8.82
C SER B 126 1.22 11.01 -9.32
N SER B 127 1.81 9.87 -8.93
CA SER B 127 3.15 9.55 -9.38
C SER B 127 3.10 9.27 -10.88
N ALA B 128 2.09 8.53 -11.34
CA ALA B 128 1.98 8.22 -12.77
C ALA B 128 1.77 9.51 -13.58
N MET B 129 0.97 10.41 -13.04
CA MET B 129 0.67 11.66 -13.73
C MET B 129 1.88 12.59 -13.69
N GLU B 130 2.66 12.52 -12.62
CA GLU B 130 3.88 13.32 -12.55
C GLU B 130 4.81 12.89 -13.69
N TYR B 131 4.80 11.60 -13.99
CA TYR B 131 5.63 11.02 -15.07
C TYR B 131 5.12 11.50 -16.42
N LEU B 132 3.81 11.39 -16.65
CA LEU B 132 3.24 11.85 -17.91
C LEU B 132 3.55 13.34 -18.06
N GLU B 133 3.45 14.08 -16.95
CA GLU B 133 3.72 15.51 -16.94
C GLU B 133 5.16 15.78 -17.35
N LYS B 134 6.09 15.03 -16.77
CA LYS B 134 7.51 15.17 -17.06
C LYS B 134 7.77 14.85 -18.54
N LYS B 135 7.11 13.81 -19.04
CA LYS B 135 7.26 13.35 -20.42
C LYS B 135 6.41 14.11 -21.45
N ASN B 136 5.84 15.24 -21.02
CA ASN B 136 5.02 16.08 -21.88
C ASN B 136 3.81 15.38 -22.50
N PHE B 137 3.24 14.42 -21.78
CA PHE B 137 2.03 13.73 -22.25
C PHE B 137 0.85 14.32 -21.47
N ILE B 138 -0.35 14.11 -21.99
CA ILE B 138 -1.58 14.57 -21.36
C ILE B 138 -2.45 13.34 -21.35
N HIS B 139 -3.18 13.09 -20.27
CA HIS B 139 -4.04 11.92 -20.23
C HIS B 139 -5.34 12.15 -20.98
N ARG B 140 -6.07 13.21 -20.59
CA ARG B 140 -7.34 13.62 -21.19
C ARG B 140 -8.61 12.99 -20.64
N ASP B 141 -8.50 11.87 -19.94
CA ASP B 141 -9.69 11.23 -19.39
C ASP B 141 -9.39 10.53 -18.06
N LEU B 142 -8.79 11.28 -17.14
CA LEU B 142 -8.45 10.72 -15.85
C LEU B 142 -9.70 10.58 -14.99
N ALA B 143 -9.88 9.38 -14.43
CA ALA B 143 -11.03 9.08 -13.60
C ALA B 143 -10.81 7.69 -13.01
N ALA B 144 -11.53 7.36 -11.94
CA ALA B 144 -11.38 6.05 -11.31
C ALA B 144 -11.73 4.93 -12.29
N ARG B 145 -12.72 5.16 -13.14
CA ARG B 145 -13.10 4.15 -14.13
C ARG B 145 -11.92 3.84 -15.06
N ASN B 146 -10.95 4.75 -15.17
CA ASN B 146 -9.79 4.52 -16.02
C ASN B 146 -8.54 4.08 -15.25
N CYS B 147 -8.74 3.59 -14.04
CA CYS B 147 -7.61 3.12 -13.24
C CYS B 147 -7.82 1.65 -12.96
N LEU B 148 -6.71 0.92 -12.77
CA LEU B 148 -6.75 -0.51 -12.50
C LEU B 148 -6.11 -0.81 -11.15
N VAL B 149 -6.59 -1.87 -10.51
CA VAL B 149 -6.08 -2.27 -9.22
C VAL B 149 -5.47 -3.66 -9.32
N GLY B 150 -4.21 -3.78 -8.91
CA GLY B 150 -3.53 -5.06 -8.94
C GLY B 150 -3.32 -5.59 -7.53
N GLU B 151 -2.38 -6.51 -7.38
CA GLU B 151 -2.10 -7.08 -6.08
C GLU B 151 -1.39 -6.06 -5.20
N ASN B 152 -1.49 -6.29 -3.89
CA ASN B 152 -0.82 -5.46 -2.91
C ASN B 152 -1.17 -3.97 -2.99
N HIS B 153 -2.44 -3.68 -3.30
CA HIS B 153 -2.91 -2.31 -3.40
C HIS B 153 -2.20 -1.50 -4.47
N LEU B 154 -1.64 -2.17 -5.48
CA LEU B 154 -0.98 -1.48 -6.57
C LEU B 154 -2.07 -0.87 -7.45
N VAL B 155 -1.89 0.39 -7.86
CA VAL B 155 -2.87 1.05 -8.72
C VAL B 155 -2.14 1.57 -9.95
N LYS B 156 -2.75 1.41 -11.12
CA LYS B 156 -2.13 1.90 -12.35
C LYS B 156 -3.12 2.73 -13.15
N VAL B 157 -2.62 3.80 -13.75
CA VAL B 157 -3.45 4.67 -14.58
C VAL B 157 -3.49 4.02 -15.96
N ALA B 158 -4.68 3.96 -16.55
CA ALA B 158 -4.84 3.40 -17.89
C ALA B 158 -5.69 4.39 -18.69
N ASP B 159 -5.98 4.05 -19.94
CA ASP B 159 -6.83 4.88 -20.80
C ASP B 159 -7.48 3.88 -21.73
N PHE B 160 -8.71 3.51 -21.41
CA PHE B 160 -9.46 2.53 -22.16
C PHE B 160 -10.25 3.09 -23.35
N GLY B 161 -10.14 4.39 -23.60
CA GLY B 161 -10.90 4.99 -24.69
C GLY B 161 -12.36 4.62 -24.52
N LEU B 162 -12.92 4.97 -23.37
CA LEU B 162 -14.31 4.64 -23.03
C LEU B 162 -15.40 5.57 -23.60
N SER B 163 -15.03 6.81 -23.92
CA SER B 163 -15.99 7.80 -24.42
C SER B 163 -17.13 7.30 -25.31
N ARG B 164 -16.86 6.33 -26.19
CA ARG B 164 -17.90 5.81 -27.07
C ARG B 164 -18.23 4.34 -26.82
N LEU B 165 -17.76 3.82 -25.69
CA LEU B 165 -18.01 2.42 -25.31
C LEU B 165 -18.92 2.33 -24.09
N MET B 166 -18.64 3.16 -23.09
CA MET B 166 -19.42 3.17 -21.85
C MET B 166 -20.80 3.76 -22.15
N THR B 167 -21.76 2.87 -22.41
CA THR B 167 -23.12 3.29 -22.72
C THR B 167 -23.98 3.59 -21.50
N GLY B 168 -23.71 4.73 -20.87
CA GLY B 168 -24.47 5.15 -19.70
C GLY B 168 -24.70 6.65 -19.78
N ASP B 169 -24.65 7.31 -18.63
CA ASP B 169 -24.83 8.76 -18.59
C ASP B 169 -23.50 9.41 -18.19
N THR B 170 -22.42 8.65 -18.29
CA THR B 170 -21.10 9.18 -17.93
C THR B 170 -20.57 10.11 -19.01
N TYR B 171 -20.56 9.65 -20.26
CA TYR B 171 -20.10 10.50 -21.36
C TYR B 171 -21.33 10.95 -22.14
N THR B 172 -21.45 12.24 -22.38
CA THR B 172 -22.59 12.77 -23.13
C THR B 172 -22.07 13.70 -24.22
N ALA B 173 -22.87 13.87 -25.27
CA ALA B 173 -22.46 14.73 -26.39
C ALA B 173 -22.07 16.15 -25.97
N HIS B 174 -20.95 16.61 -26.51
CA HIS B 174 -20.45 17.95 -26.23
C HIS B 174 -19.36 18.24 -27.25
N ALA B 175 -19.48 19.38 -27.92
CA ALA B 175 -18.50 19.76 -28.93
C ALA B 175 -18.35 18.65 -29.98
N GLY B 176 -19.46 18.06 -30.39
CA GLY B 176 -19.44 17.02 -31.39
C GLY B 176 -18.84 15.70 -30.92
N ALA B 177 -18.24 15.71 -29.74
CA ALA B 177 -17.63 14.51 -29.19
C ALA B 177 -18.37 14.09 -27.92
N LYS B 178 -17.86 13.09 -27.22
CA LYS B 178 -18.48 12.63 -25.98
C LYS B 178 -17.54 12.98 -24.83
N PHE B 179 -18.04 13.77 -23.88
CA PHE B 179 -17.27 14.22 -22.73
C PHE B 179 -17.81 13.71 -21.39
N PRO B 180 -16.91 13.37 -20.45
CA PRO B 180 -17.36 12.92 -19.13
C PRO B 180 -17.46 14.27 -18.42
N ILE B 181 -18.57 14.96 -18.66
CA ILE B 181 -18.77 16.29 -18.12
C ILE B 181 -18.31 16.59 -16.69
N LYS B 182 -18.70 15.73 -15.76
CA LYS B 182 -18.36 15.96 -14.36
C LYS B 182 -16.89 15.83 -13.98
N TRP B 183 -16.07 15.37 -14.92
CA TRP B 183 -14.62 15.25 -14.68
C TRP B 183 -13.86 16.26 -15.54
N THR B 184 -14.58 17.00 -16.37
CA THR B 184 -13.96 17.94 -17.31
C THR B 184 -13.68 19.33 -16.79
N ALA B 185 -12.46 19.81 -17.01
CA ALA B 185 -12.06 21.14 -16.58
C ALA B 185 -12.92 22.19 -17.29
N PRO B 186 -13.22 23.32 -16.62
CA PRO B 186 -14.05 24.36 -17.24
C PRO B 186 -13.53 24.82 -18.61
N GLU B 187 -12.22 25.02 -18.72
CA GLU B 187 -11.65 25.47 -19.99
C GLU B 187 -11.80 24.41 -21.08
N SER B 188 -11.87 23.15 -20.67
CA SER B 188 -12.03 22.08 -21.65
C SER B 188 -13.47 22.10 -22.15
N LEU B 189 -14.41 22.35 -21.23
CA LEU B 189 -15.83 22.39 -21.58
C LEU B 189 -16.16 23.59 -22.47
N ALA B 190 -15.57 24.73 -22.15
CA ALA B 190 -15.86 25.96 -22.85
C ALA B 190 -15.02 26.26 -24.08
N TYR B 191 -13.71 26.00 -24.02
CA TYR B 191 -12.79 26.30 -25.12
C TYR B 191 -12.22 25.08 -25.83
N ASN B 192 -12.57 23.89 -25.34
CA ASN B 192 -12.01 22.67 -25.91
C ASN B 192 -10.50 22.67 -25.65
N LYS B 193 -10.07 23.37 -24.60
CA LYS B 193 -8.66 23.44 -24.24
C LYS B 193 -8.27 22.33 -23.26
N PHE B 194 -7.38 21.45 -23.68
CA PHE B 194 -6.92 20.37 -22.82
C PHE B 194 -5.43 20.52 -22.59
N SER B 195 -4.99 20.22 -21.37
CA SER B 195 -3.58 20.32 -21.01
C SER B 195 -3.33 19.45 -19.78
N ILE B 196 -2.10 19.45 -19.29
CA ILE B 196 -1.80 18.67 -18.10
C ILE B 196 -2.59 19.31 -16.94
N LYS B 197 -2.89 20.59 -17.06
CA LYS B 197 -3.65 21.27 -16.01
C LYS B 197 -5.13 20.84 -16.02
N SER B 198 -5.65 20.44 -17.17
CA SER B 198 -7.03 19.96 -17.17
C SER B 198 -7.00 18.56 -16.57
N ASP B 199 -5.87 17.86 -16.74
CA ASP B 199 -5.74 16.55 -16.11
C ASP B 199 -5.73 16.75 -14.59
N VAL B 200 -5.11 17.85 -14.14
CA VAL B 200 -5.06 18.14 -12.71
C VAL B 200 -6.45 18.34 -12.16
N TRP B 201 -7.30 19.03 -12.92
CA TRP B 201 -8.67 19.24 -12.49
C TRP B 201 -9.34 17.87 -12.33
N ALA B 202 -9.20 17.02 -13.35
CA ALA B 202 -9.80 15.68 -13.33
C ALA B 202 -9.24 14.89 -12.16
N PHE B 203 -7.95 15.06 -11.88
CA PHE B 203 -7.36 14.35 -10.75
C PHE B 203 -8.06 14.77 -9.48
N GLY B 204 -8.44 16.05 -9.40
CA GLY B 204 -9.16 16.52 -8.23
C GLY B 204 -10.47 15.75 -8.07
N VAL B 205 -11.17 15.52 -9.17
CA VAL B 205 -12.43 14.77 -9.11
C VAL B 205 -12.16 13.30 -8.76
N LEU B 206 -11.08 12.75 -9.32
CA LEU B 206 -10.69 11.37 -9.01
C LEU B 206 -10.39 11.24 -7.51
N LEU B 207 -9.73 12.24 -6.96
CA LEU B 207 -9.38 12.23 -5.54
C LEU B 207 -10.68 12.20 -4.73
N TRP B 208 -11.71 12.90 -5.23
CA TRP B 208 -13.00 12.92 -4.56
C TRP B 208 -13.63 11.54 -4.66
N GLU B 209 -13.51 10.89 -5.82
CA GLU B 209 -14.06 9.54 -6.00
C GLU B 209 -13.39 8.59 -4.98
N ILE B 210 -12.07 8.73 -4.85
CA ILE B 210 -11.31 7.89 -3.91
C ILE B 210 -11.77 8.13 -2.48
N ALA B 211 -11.82 9.39 -2.08
CA ALA B 211 -12.22 9.77 -0.74
C ALA B 211 -13.67 9.42 -0.37
N THR B 212 -14.47 9.04 -1.36
CA THR B 212 -15.86 8.68 -1.08
C THR B 212 -16.17 7.24 -1.48
N TYR B 213 -15.13 6.46 -1.78
CA TYR B 213 -15.30 5.07 -2.19
C TYR B 213 -16.11 4.89 -3.46
N GLY B 214 -15.87 5.76 -4.44
CA GLY B 214 -16.56 5.63 -5.71
C GLY B 214 -17.95 6.21 -5.84
N MET B 215 -18.26 7.27 -5.07
CA MET B 215 -19.57 7.89 -5.22
C MET B 215 -19.56 8.68 -6.53
N SER B 216 -20.75 9.00 -7.06
CA SER B 216 -20.85 9.75 -8.30
C SER B 216 -20.69 11.24 -7.98
N PRO B 217 -19.85 11.94 -8.74
CA PRO B 217 -19.65 13.37 -8.48
C PRO B 217 -20.92 14.18 -8.80
N TYR B 218 -21.05 15.32 -8.13
CA TYR B 218 -22.19 16.23 -8.33
C TYR B 218 -23.47 15.42 -8.46
N PRO B 219 -23.80 14.63 -7.42
CA PRO B 219 -25.02 13.81 -7.49
C PRO B 219 -26.29 14.60 -7.78
N GLY B 220 -27.05 14.13 -8.76
CA GLY B 220 -28.31 14.78 -9.11
C GLY B 220 -28.21 16.07 -9.91
N ILE B 221 -27.00 16.61 -10.00
CA ILE B 221 -26.83 17.86 -10.75
C ILE B 221 -26.96 17.68 -12.24
N ASP B 222 -27.88 18.44 -12.82
CA ASP B 222 -28.08 18.39 -14.25
C ASP B 222 -26.77 18.72 -14.98
N LEU B 223 -26.36 17.86 -15.90
CA LEU B 223 -25.13 18.09 -16.64
C LEU B 223 -25.05 19.47 -17.29
N SER B 224 -26.15 19.89 -17.89
CA SER B 224 -26.25 21.18 -18.58
C SER B 224 -26.05 22.37 -17.64
N GLN B 225 -26.06 22.12 -16.33
CA GLN B 225 -25.88 23.19 -15.35
C GLN B 225 -24.48 23.20 -14.74
N VAL B 226 -23.71 22.13 -14.95
CA VAL B 226 -22.38 22.02 -14.34
C VAL B 226 -21.42 23.18 -14.62
N TYR B 227 -21.21 23.50 -15.89
CA TYR B 227 -20.28 24.58 -16.20
C TYR B 227 -20.59 25.90 -15.51
N GLU B 228 -21.84 26.34 -15.60
CA GLU B 228 -22.26 27.60 -14.99
C GLU B 228 -22.08 27.52 -13.47
N LEU B 229 -22.35 26.35 -12.91
CA LEU B 229 -22.21 26.18 -11.47
C LEU B 229 -20.74 26.38 -11.08
N LEU B 230 -19.82 25.78 -11.84
CA LEU B 230 -18.38 25.92 -11.55
C LEU B 230 -17.93 27.37 -11.76
N GLU B 231 -18.48 28.00 -12.80
CA GLU B 231 -18.14 29.38 -13.11
C GLU B 231 -18.53 30.31 -11.97
N LYS B 232 -19.58 29.94 -11.23
CA LYS B 232 -20.07 30.73 -10.11
C LYS B 232 -19.38 30.37 -8.79
N ASP B 233 -18.32 29.58 -8.87
CA ASP B 233 -17.51 29.17 -7.73
C ASP B 233 -18.05 28.04 -6.86
N TYR B 234 -19.07 27.33 -7.37
CA TYR B 234 -19.57 26.18 -6.64
C TYR B 234 -18.53 25.07 -6.80
N ARG B 235 -18.28 24.32 -5.74
CA ARG B 235 -17.36 23.18 -5.81
C ARG B 235 -17.98 22.12 -4.91
N MET B 236 -17.69 20.85 -5.16
CA MET B 236 -18.25 19.81 -4.30
C MET B 236 -17.76 20.02 -2.89
N GLU B 237 -18.62 19.80 -1.91
CA GLU B 237 -18.25 19.97 -0.51
C GLU B 237 -17.28 18.87 -0.06
N ARG B 238 -16.62 19.10 1.06
CA ARG B 238 -15.68 18.12 1.61
C ARG B 238 -16.47 16.86 1.98
N PRO B 239 -16.09 15.69 1.43
CA PRO B 239 -16.81 14.46 1.75
C PRO B 239 -16.67 14.10 3.23
N GLU B 240 -17.58 13.25 3.71
CA GLU B 240 -17.56 12.83 5.11
C GLU B 240 -16.26 12.10 5.43
N GLY B 241 -15.62 12.53 6.51
CA GLY B 241 -14.38 11.92 6.95
C GLY B 241 -13.11 12.36 6.22
N CYS B 242 -13.24 13.22 5.22
CA CYS B 242 -12.08 13.67 4.47
C CYS B 242 -11.16 14.64 5.20
N PRO B 243 -9.87 14.30 5.35
CA PRO B 243 -8.93 15.20 6.03
C PRO B 243 -8.98 16.58 5.38
N GLU B 244 -8.81 17.61 6.21
CA GLU B 244 -8.85 18.98 5.73
C GLU B 244 -7.83 19.24 4.64
N LYS B 245 -6.59 18.78 4.83
CA LYS B 245 -5.55 19.02 3.83
C LYS B 245 -5.82 18.30 2.52
N VAL B 246 -6.54 17.20 2.59
CA VAL B 246 -6.87 16.45 1.38
C VAL B 246 -7.91 17.24 0.58
N TYR B 247 -8.87 17.80 1.30
CA TYR B 247 -9.92 18.59 0.64
C TYR B 247 -9.29 19.84 0.04
N GLU B 248 -8.39 20.46 0.79
CA GLU B 248 -7.70 21.66 0.31
C GLU B 248 -6.99 21.32 -1.00
N LEU B 249 -6.40 20.13 -1.09
CA LEU B 249 -5.72 19.74 -2.31
C LEU B 249 -6.73 19.62 -3.45
N MET B 250 -7.89 19.04 -3.17
CA MET B 250 -8.94 18.95 -4.17
C MET B 250 -9.28 20.36 -4.66
N ARG B 251 -9.46 21.28 -3.72
CA ARG B 251 -9.84 22.64 -4.08
C ARG B 251 -8.76 23.29 -4.94
N ALA B 252 -7.50 22.97 -4.66
CA ALA B 252 -6.40 23.54 -5.43
C ALA B 252 -6.48 23.00 -6.86
N CYS B 253 -6.81 21.71 -6.97
CA CYS B 253 -6.92 21.10 -8.29
C CYS B 253 -8.05 21.74 -9.08
N TRP B 254 -9.07 22.22 -8.37
CA TRP B 254 -10.22 22.84 -9.02
C TRP B 254 -10.19 24.36 -9.16
N GLN B 255 -9.01 24.95 -9.11
CA GLN B 255 -8.94 26.40 -9.28
C GLN B 255 -9.47 26.68 -10.68
N TRP B 256 -10.22 27.76 -10.82
CA TRP B 256 -10.78 28.11 -12.12
C TRP B 256 -9.69 28.26 -13.18
N ASN B 257 -8.66 29.04 -12.85
CA ASN B 257 -7.55 29.28 -13.78
C ASN B 257 -6.55 28.13 -13.74
N PRO B 258 -6.31 27.46 -14.87
CA PRO B 258 -5.36 26.33 -14.91
C PRO B 258 -3.99 26.67 -14.34
N SER B 259 -3.53 27.88 -14.57
CA SER B 259 -2.23 28.29 -14.05
C SER B 259 -2.20 28.31 -12.52
N ASP B 260 -3.34 28.41 -11.88
CA ASP B 260 -3.37 28.41 -10.42
C ASP B 260 -3.42 27.00 -9.83
N ARG B 261 -3.60 26.01 -10.68
CA ARG B 261 -3.64 24.62 -10.22
C ARG B 261 -2.22 24.11 -10.02
N PRO B 262 -2.02 23.24 -9.02
CA PRO B 262 -0.68 22.69 -8.77
C PRO B 262 -0.28 21.70 -9.86
N SER B 263 1.03 21.52 -10.05
CA SER B 263 1.51 20.56 -11.04
C SER B 263 1.38 19.19 -10.35
N PHE B 264 1.54 18.13 -11.13
CA PHE B 264 1.47 16.78 -10.55
C PHE B 264 2.70 16.54 -9.69
N ALA B 265 3.79 17.21 -10.03
CA ALA B 265 4.99 17.07 -9.21
C ALA B 265 4.69 17.64 -7.83
N GLU B 266 3.99 18.77 -7.80
CA GLU B 266 3.62 19.43 -6.54
C GLU B 266 2.58 18.62 -5.77
N ILE B 267 1.66 18.00 -6.51
CA ILE B 267 0.63 17.19 -5.90
C ILE B 267 1.30 15.98 -5.23
N HIS B 268 2.22 15.35 -5.95
CA HIS B 268 2.90 14.17 -5.41
C HIS B 268 3.66 14.54 -4.15
N GLN B 269 4.43 15.62 -4.22
CA GLN B 269 5.21 16.06 -3.06
C GLN B 269 4.27 16.43 -1.92
N ALA B 270 3.12 17.00 -2.27
CA ALA B 270 2.15 17.39 -1.26
C ALA B 270 1.68 16.17 -0.45
N PHE B 271 1.38 15.06 -1.12
CA PHE B 271 0.95 13.86 -0.41
C PHE B 271 2.04 13.36 0.53
N GLU B 272 3.30 13.45 0.14
CA GLU B 272 4.31 12.94 1.06
C GLU B 272 4.72 13.85 2.18
N THR B 273 4.11 15.02 2.28
CA THR B 273 4.42 15.94 3.35
C THR B 273 3.19 16.40 4.11
N MET B 274 1.99 16.12 3.61
CA MET B 274 0.80 16.61 4.32
C MET B 274 0.48 15.93 5.63
N PHE B 275 1.09 14.77 5.88
CA PHE B 275 0.86 14.07 7.14
C PHE B 275 2.17 13.79 7.87
N GLN B 276 3.20 14.58 7.59
CA GLN B 276 4.48 14.32 8.23
C GLN B 276 4.46 14.56 9.75
N GLU B 277 3.55 15.42 10.20
CA GLU B 277 3.45 15.72 11.64
C GLU B 277 2.10 15.30 12.19
N SER B 278 1.32 14.61 11.36
CA SER B 278 0.00 14.14 11.75
C SER B 278 -0.31 12.87 10.99
N SER B 279 -1.21 12.06 11.53
CA SER B 279 -1.58 10.80 10.89
C SER B 279 -2.89 10.93 10.13
N ILE B 280 -2.97 10.37 8.93
CA ILE B 280 -4.22 10.45 8.20
C ILE B 280 -5.24 9.54 8.90
N SER B 281 -4.79 8.38 9.37
CA SER B 281 -5.67 7.46 10.07
C SER B 281 -6.32 8.20 11.24
N ASP B 282 -5.53 8.99 11.96
CA ASP B 282 -6.06 9.73 13.10
C ASP B 282 -7.02 10.82 12.65
N GLU B 283 -6.65 11.56 11.61
CA GLU B 283 -7.51 12.63 11.13
C GLU B 283 -8.88 12.16 10.65
N VAL B 284 -8.92 11.01 9.99
CA VAL B 284 -10.19 10.48 9.51
C VAL B 284 -11.07 10.06 10.68
N GLU B 285 -10.48 9.50 11.73
CA GLU B 285 -11.25 9.07 12.90
C GLU B 285 -11.73 10.29 13.69
N LYS B 286 -11.05 11.41 13.52
CA LYS B 286 -11.41 12.64 14.23
C LYS B 286 -12.67 13.31 13.70
N GLU B 287 -12.63 13.73 12.44
CA GLU B 287 -13.79 14.40 11.84
C GLU B 287 -14.94 13.46 11.49
N LEU B 288 -14.77 12.16 11.72
CA LEU B 288 -15.82 11.19 11.44
C LEU B 288 -16.71 10.97 12.67
N GLY B 289 -16.06 10.73 13.81
CA GLY B 289 -16.79 10.52 15.03
C GLY B 289 -17.18 11.83 15.70
N LYS B 290 -17.03 12.93 14.97
CA LYS B 290 -17.36 14.25 15.49
C LYS B 290 -18.84 14.38 15.85
#